data_6YMS
#
_entry.id   6YMS
#
_cell.length_a   92.619
_cell.length_b   92.619
_cell.length_c   129.982
_cell.angle_alpha   90.000
_cell.angle_beta   90.000
_cell.angle_gamma   120.000
#
_symmetry.space_group_name_H-M   'P 61 2 2'
#
loop_
_entity.id
_entity.type
_entity.pdbx_description
1 polymer Thermolysin
2 non-polymer 'CALCIUM ION'
3 non-polymer 'ZINC ION'
4 non-polymer 'DIMETHYL SULFOXIDE'
5 non-polymer '(2~{S})-4-methyl-2-[2-[[oxidanyl-[(1~{S})-2-phenyl-1-(phenylmethoxycarbonylamino)ethyl]phosphoryl]amino]ethanoylamino]pentanoic acid'
6 non-polymer 2-AMINO-2-HYDROXYMETHYL-PROPANE-1,3-DIOL
7 non-polymer GLYCEROL
8 water water
#
_entity_poly.entity_id   1
_entity_poly.type   'polypeptide(L)'
_entity_poly.pdbx_seq_one_letter_code
;ITGTSTVGVGRGVLGDQKNINTTYSTYYYLQDNTRGNGIFTYDAKYRTTLPGSLWADADNQFFASYDAPAVDAHYYAGVT
YDYYKNVHNRLSYDGNNAAIRSSVHYSQGYNNAFWNGSQMVYGDGDGQTFIPLSGGIDVVAHELTHAVTDYTAGLIYQNE
SGAINEAISDIFGTLVEFYANKNPDWEIGEDVYTPGISGDSLRSMSDPAKYGDPDHYSKRYTGTQDNGGVHINSGIINKA
AYLISQGGTHYGVSVVGIGRDKLGKIFYRALTQYLTPTSNFSQLRAAAVQSATDLYGSTSQEVASVKQAFDAVGVK
;
_entity_poly.pdbx_strand_id   E
#
loop_
_chem_comp.id
_chem_comp.type
_chem_comp.name
_chem_comp.formula
CA non-polymer 'CALCIUM ION' 'Ca 2'
DMS non-polymer 'DIMETHYL SULFOXIDE' 'C2 H6 O S'
GOL non-polymer GLYCEROL 'C3 H8 O3'
OZH non-polymer '(2~{S})-4-methyl-2-[2-[[oxidanyl-[(1~{S})-2-phenyl-1-(phenylmethoxycarbonylamino)ethyl]phosphoryl]amino]ethanoylamino]pentanoic acid' 'C24 H32 N3 O7 P'
TRS non-polymer 2-AMINO-2-HYDROXYMETHYL-PROPANE-1,3-DIOL 'C4 H12 N O3 1'
ZN non-polymer 'ZINC ION' 'Zn 2'
#
# COMPACT_ATOMS: atom_id res chain seq x y z
N ILE A 1 9.67 22.46 -8.22
CA ILE A 1 10.22 23.84 -8.33
C ILE A 1 11.73 23.80 -8.14
N THR A 2 12.40 24.81 -8.67
CA THR A 2 13.84 24.96 -8.45
C THR A 2 14.08 25.66 -7.12
N GLY A 3 14.93 25.07 -6.30
CA GLY A 3 15.24 25.64 -5.00
C GLY A 3 16.30 24.83 -4.32
N THR A 4 16.42 24.99 -3.02
CA THR A 4 17.42 24.26 -2.26
C THR A 4 16.72 23.33 -1.27
N SER A 5 17.34 22.16 -1.07
CA SER A 5 16.75 21.16 -0.20
C SER A 5 16.86 21.56 1.27
N THR A 6 15.75 21.44 1.98
CA THR A 6 15.60 21.87 3.36
C THR A 6 14.94 20.75 4.16
N VAL A 7 14.91 20.91 5.48
CA VAL A 7 14.30 19.92 6.36
C VAL A 7 13.33 20.63 7.29
N GLY A 8 12.04 20.38 7.10
CA GLY A 8 11.02 20.90 7.96
C GLY A 8 10.65 19.92 9.05
N VAL A 9 9.75 20.35 9.93
N VAL A 9 9.77 20.37 9.95
CA VAL A 9 9.30 19.53 11.03
CA VAL A 9 9.29 19.55 11.05
C VAL A 9 7.81 19.76 11.21
C VAL A 9 7.79 19.76 11.16
N GLY A 10 7.07 18.72 11.55
CA GLY A 10 5.66 18.87 11.75
C GLY A 10 5.07 17.68 12.47
N ARG A 11 3.75 17.67 12.55
N ARG A 11 3.75 17.62 12.43
CA ARG A 11 3.03 16.56 13.17
CA ARG A 11 2.98 16.63 13.15
C ARG A 11 2.09 15.93 12.16
C ARG A 11 2.03 15.94 12.18
N GLY A 12 2.01 14.61 12.19
CA GLY A 12 1.12 13.86 11.35
C GLY A 12 -0.28 13.73 11.94
N VAL A 13 -1.12 12.98 11.22
CA VAL A 13 -2.54 12.81 11.56
C VAL A 13 -2.73 12.26 12.97
N LEU A 14 -1.85 11.36 13.41
N LEU A 14 -1.85 11.36 13.41
CA LEU A 14 -1.97 10.76 14.74
CA LEU A 14 -1.95 10.75 14.73
C LEU A 14 -1.20 11.52 15.81
C LEU A 14 -1.21 11.53 15.81
N GLY A 15 -0.70 12.72 15.50
CA GLY A 15 -0.09 13.57 16.51
C GLY A 15 1.39 13.35 16.72
N ASP A 16 2.03 12.56 15.89
CA ASP A 16 3.45 12.26 16.02
C ASP A 16 4.29 13.27 15.26
N GLN A 17 5.39 13.70 15.87
CA GLN A 17 6.30 14.65 15.26
C GLN A 17 7.25 13.92 14.33
N LYS A 18 7.51 14.51 13.16
CA LYS A 18 8.48 13.93 12.26
C LYS A 18 9.11 15.04 11.42
N ASN A 19 10.32 14.76 10.95
CA ASN A 19 10.99 15.63 10.01
C ASN A 19 10.58 15.26 8.59
N ILE A 20 10.50 16.27 7.73
N ILE A 20 10.49 16.28 7.73
CA ILE A 20 10.14 16.07 6.33
CA ILE A 20 10.10 16.11 6.33
C ILE A 20 11.09 16.85 5.44
C ILE A 20 11.06 16.86 5.43
N ASN A 21 11.39 16.28 4.29
CA ASN A 21 12.23 16.90 3.29
C ASN A 21 11.43 17.89 2.48
N THR A 22 11.87 19.15 2.47
CA THR A 22 11.20 20.24 1.78
C THR A 22 12.17 20.91 0.82
N THR A 23 11.66 21.89 0.07
CA THR A 23 12.47 22.68 -0.85
C THR A 23 12.13 24.15 -0.61
N TYR A 24 13.17 24.98 -0.44
CA TYR A 24 12.97 26.40 -0.23
C TYR A 24 13.21 27.20 -1.51
N SER A 25 12.20 27.99 -1.87
CA SER A 25 12.32 29.04 -2.88
C SER A 25 11.14 29.98 -2.60
N THR A 26 11.41 31.04 -1.82
CA THR A 26 10.44 31.98 -1.26
C THR A 26 9.56 31.33 -0.17
N TYR A 27 8.87 30.26 -0.54
CA TYR A 27 8.17 29.40 0.39
C TYR A 27 8.96 28.09 0.58
N TYR A 28 8.57 27.36 1.61
CA TYR A 28 9.01 25.98 1.80
C TYR A 28 7.93 25.07 1.23
N TYR A 29 8.31 24.25 0.25
CA TYR A 29 7.39 23.37 -0.46
C TYR A 29 7.58 21.93 -0.01
N LEU A 30 6.49 21.17 -0.03
CA LEU A 30 6.56 19.72 0.20
C LEU A 30 7.09 19.07 -1.08
N GLN A 31 8.41 19.18 -1.24
CA GLN A 31 9.14 18.63 -2.37
C GLN A 31 10.43 18.06 -1.79
N ASP A 32 10.53 16.74 -1.81
CA ASP A 32 11.66 15.99 -1.25
C ASP A 32 12.57 15.65 -2.42
N ASN A 33 13.74 16.29 -2.47
CA ASN A 33 14.68 16.05 -3.56
C ASN A 33 15.65 14.92 -3.27
N THR A 34 15.55 14.29 -2.09
CA THR A 34 16.52 13.29 -1.68
C THR A 34 16.22 11.92 -2.26
N ARG A 35 15.06 11.74 -2.87
CA ARG A 35 14.61 10.44 -3.36
C ARG A 35 14.24 10.55 -4.83
N GLY A 36 15.01 9.86 -5.68
CA GLY A 36 14.69 9.80 -7.09
C GLY A 36 14.64 11.18 -7.71
N ASN A 37 13.63 11.38 -8.57
CA ASN A 37 13.35 12.67 -9.17
C ASN A 37 12.32 13.44 -8.38
N GLY A 38 12.18 13.14 -7.10
CA GLY A 38 11.44 13.93 -6.18
C GLY A 38 10.15 13.28 -5.74
N ILE A 39 9.71 13.66 -4.55
CA ILE A 39 8.39 13.38 -4.01
C ILE A 39 7.72 14.72 -3.77
N PHE A 40 6.54 14.88 -4.33
CA PHE A 40 5.83 16.15 -4.38
C PHE A 40 4.44 15.94 -3.79
N THR A 41 4.07 16.80 -2.83
CA THR A 41 2.77 16.70 -2.16
C THR A 41 2.00 17.99 -2.38
N TYR A 42 0.72 17.84 -2.75
CA TYR A 42 -0.16 18.91 -3.21
C TYR A 42 -1.38 19.05 -2.30
N ASP A 43 -1.92 20.27 -2.27
CA ASP A 43 -3.17 20.59 -1.58
C ASP A 43 -4.30 20.61 -2.60
N ALA A 44 -5.26 19.68 -2.47
CA ALA A 44 -6.46 19.71 -3.30
C ALA A 44 -7.56 20.62 -2.75
N LYS A 45 -7.40 21.15 -1.54
CA LYS A 45 -8.23 22.24 -1.02
C LYS A 45 -9.71 21.89 -0.97
N TYR A 46 -10.01 20.63 -0.68
CA TYR A 46 -11.37 20.10 -0.56
C TYR A 46 -12.08 20.00 -1.89
N ARG A 47 -11.41 20.27 -3.01
CA ARG A 47 -11.98 20.15 -4.33
C ARG A 47 -11.63 18.79 -4.93
N THR A 48 -12.12 18.57 -6.15
CA THR A 48 -11.89 17.34 -6.90
C THR A 48 -11.03 17.58 -8.12
N THR A 49 -10.49 18.79 -8.29
N THR A 49 -10.55 18.81 -8.32
CA THR A 49 -9.61 19.09 -9.41
CA THR A 49 -9.57 19.07 -9.36
C THR A 49 -8.17 18.79 -8.99
C THR A 49 -8.22 18.59 -8.87
N LEU A 50 -7.49 17.92 -9.75
CA LEU A 50 -6.20 17.38 -9.39
C LEU A 50 -5.09 17.90 -10.31
N PRO A 51 -3.87 18.06 -9.79
CA PRO A 51 -3.47 17.71 -8.42
C PRO A 51 -3.77 18.76 -7.35
N GLY A 52 -4.14 19.97 -7.76
CA GLY A 52 -4.18 21.08 -6.84
C GLY A 52 -2.86 21.82 -6.88
N SER A 53 -2.50 22.50 -5.80
N SER A 53 -2.48 22.43 -5.77
CA SER A 53 -1.29 23.32 -5.78
CA SER A 53 -1.31 23.27 -5.71
C SER A 53 -0.20 22.68 -4.92
C SER A 53 -0.20 22.59 -4.93
N LEU A 54 1.04 22.70 -5.41
CA LEU A 54 2.15 22.16 -4.67
C LEU A 54 2.18 22.80 -3.29
N TRP A 55 2.28 21.97 -2.25
CA TRP A 55 2.06 22.47 -0.88
C TRP A 55 3.14 23.47 -0.50
N ALA A 56 2.72 24.69 -0.16
CA ALA A 56 3.59 25.79 0.19
C ALA A 56 3.35 26.20 1.65
N ASP A 57 4.44 26.49 2.36
CA ASP A 57 4.39 26.86 3.76
C ASP A 57 5.41 27.95 4.03
N ALA A 58 5.01 28.95 4.82
CA ALA A 58 5.86 30.12 5.02
C ALA A 58 7.09 29.83 5.88
N ASP A 59 7.03 28.91 6.85
CA ASP A 59 8.07 28.82 7.86
C ASP A 59 8.72 27.44 8.03
N ASN A 60 8.35 26.46 7.22
CA ASN A 60 8.95 25.12 7.29
C ASN A 60 8.55 24.36 8.54
N GLN A 61 7.49 24.80 9.23
CA GLN A 61 6.93 24.14 10.39
C GLN A 61 5.51 23.75 10.04
N PHE A 62 5.16 22.49 10.27
CA PHE A 62 3.91 21.91 9.77
C PHE A 62 3.12 21.29 10.93
N PHE A 63 2.73 22.13 11.89
CA PHE A 63 2.03 21.71 13.09
C PHE A 63 0.56 22.07 13.10
N ALA A 64 0.03 22.67 12.04
CA ALA A 64 -1.39 23.00 12.02
C ALA A 64 -2.20 21.74 11.71
N SER A 65 -3.42 21.70 12.21
N SER A 65 -3.43 21.70 12.20
CA SER A 65 -4.27 20.57 11.91
CA SER A 65 -4.24 20.52 11.91
C SER A 65 -4.37 20.35 10.41
C SER A 65 -4.44 20.33 10.40
N TYR A 66 -4.52 21.44 9.64
CA TYR A 66 -4.67 21.33 8.18
C TYR A 66 -3.43 20.72 7.54
N ASP A 67 -2.26 20.85 8.18
CA ASP A 67 -1.03 20.33 7.63
C ASP A 67 -0.88 18.82 7.82
N ALA A 68 -1.54 18.24 8.81
CA ALA A 68 -1.23 16.87 9.20
C ALA A 68 -1.37 15.85 8.08
N PRO A 69 -2.42 15.86 7.27
CA PRO A 69 -2.48 14.86 6.19
C PRO A 69 -1.37 15.01 5.18
N ALA A 70 -0.91 16.24 4.95
CA ALA A 70 0.17 16.46 4.00
C ALA A 70 1.49 15.94 4.55
N VAL A 71 1.75 16.17 5.83
CA VAL A 71 2.97 15.67 6.46
C VAL A 71 3.08 14.16 6.26
N ASP A 72 1.98 13.45 6.54
CA ASP A 72 2.03 11.99 6.49
C ASP A 72 2.07 11.46 5.06
N ALA A 73 1.31 12.06 4.14
CA ALA A 73 1.37 11.60 2.75
C ALA A 73 2.80 11.72 2.24
N HIS A 74 3.45 12.84 2.57
CA HIS A 74 4.80 13.13 2.11
C HIS A 74 5.81 12.19 2.75
N TYR A 75 5.75 12.06 4.07
CA TYR A 75 6.69 11.23 4.81
C TYR A 75 6.53 9.76 4.45
N TYR A 76 5.29 9.25 4.43
CA TYR A 76 5.10 7.83 4.16
C TYR A 76 5.38 7.48 2.70
N ALA A 77 5.22 8.42 1.77
CA ALA A 77 5.70 8.16 0.41
C ALA A 77 7.20 7.95 0.42
N GLY A 78 7.93 8.72 1.25
CA GLY A 78 9.37 8.52 1.38
C GLY A 78 9.72 7.15 1.95
N VAL A 79 9.00 6.72 2.99
CA VAL A 79 9.25 5.40 3.55
C VAL A 79 9.02 4.32 2.51
N THR A 80 7.94 4.46 1.73
CA THR A 80 7.61 3.44 0.74
C THR A 80 8.64 3.42 -0.37
N TYR A 81 9.10 4.59 -0.81
CA TYR A 81 10.20 4.68 -1.77
C TYR A 81 11.41 3.93 -1.24
N ASP A 82 11.74 4.16 0.03
CA ASP A 82 12.90 3.51 0.64
C ASP A 82 12.75 2.01 0.67
N TYR A 83 11.55 1.51 1.01
CA TYR A 83 11.32 0.08 1.01
C TYR A 83 11.61 -0.51 -0.36
N TYR A 84 11.00 0.06 -1.41
CA TYR A 84 11.20 -0.53 -2.74
C TYR A 84 12.67 -0.45 -3.17
N LYS A 85 13.34 0.66 -2.87
CA LYS A 85 14.73 0.81 -3.27
C LYS A 85 15.65 -0.14 -2.48
N ASN A 86 15.52 -0.14 -1.15
CA ASN A 86 16.46 -0.85 -0.30
C ASN A 86 16.19 -2.35 -0.28
N VAL A 87 14.93 -2.75 -0.41
CA VAL A 87 14.58 -4.16 -0.30
C VAL A 87 14.55 -4.84 -1.66
N HIS A 88 14.05 -4.15 -2.69
CA HIS A 88 13.84 -4.78 -4.00
C HIS A 88 14.69 -4.16 -5.10
N ASN A 89 15.54 -3.19 -4.77
CA ASN A 89 16.35 -2.51 -5.78
C ASN A 89 15.48 -1.93 -6.90
N ARG A 90 14.32 -1.39 -6.52
CA ARG A 90 13.42 -0.75 -7.47
C ARG A 90 13.41 0.74 -7.19
N LEU A 91 13.63 1.53 -8.23
CA LEU A 91 13.73 3.00 -8.12
C LEU A 91 12.39 3.61 -8.52
N SER A 92 11.60 3.97 -7.51
CA SER A 92 10.26 4.49 -7.70
C SER A 92 9.34 3.49 -8.40
N TYR A 93 8.14 3.95 -8.74
CA TYR A 93 7.13 3.01 -9.20
C TYR A 93 7.39 2.52 -10.61
N ASP A 94 8.08 3.30 -11.44
CA ASP A 94 8.38 2.89 -12.80
C ASP A 94 9.76 2.24 -12.94
N GLY A 95 10.52 2.13 -11.86
CA GLY A 95 11.86 1.59 -11.92
C GLY A 95 12.89 2.53 -12.46
N ASN A 96 12.51 3.76 -12.81
CA ASN A 96 13.42 4.77 -13.34
C ASN A 96 13.28 6.08 -12.58
N ASN A 97 12.92 5.99 -11.30
CA ASN A 97 12.89 7.16 -10.43
C ASN A 97 11.87 8.21 -10.84
N ALA A 98 10.72 7.80 -11.39
CA ALA A 98 9.64 8.74 -11.67
C ALA A 98 9.30 9.57 -10.43
N ALA A 99 9.03 10.84 -10.65
CA ALA A 99 8.55 11.71 -9.58
C ALA A 99 7.25 11.13 -9.00
N ILE A 100 7.14 11.17 -7.68
CA ILE A 100 5.99 10.67 -6.96
C ILE A 100 5.13 11.83 -6.52
N ARG A 101 3.86 11.83 -6.91
CA ARG A 101 2.93 12.93 -6.63
C ARG A 101 1.76 12.43 -5.80
N SER A 102 1.42 13.21 -4.77
CA SER A 102 0.26 12.93 -3.91
C SER A 102 -0.53 14.20 -3.71
N SER A 103 -1.85 14.10 -3.64
CA SER A 103 -2.71 15.20 -3.22
C SER A 103 -3.47 14.79 -1.98
N VAL A 104 -3.59 15.73 -1.04
CA VAL A 104 -4.37 15.54 0.17
C VAL A 104 -5.50 16.57 0.22
N HIS A 105 -6.39 16.42 1.20
CA HIS A 105 -7.61 17.22 1.27
C HIS A 105 -8.45 17.10 0.00
N TYR A 106 -8.52 15.88 -0.54
CA TYR A 106 -9.34 15.65 -1.72
C TYR A 106 -10.81 15.60 -1.34
N SER A 107 -11.61 16.43 -2.00
CA SER A 107 -13.06 16.44 -1.84
C SER A 107 -13.45 16.77 -0.40
N GLN A 108 -14.70 16.48 -0.03
CA GLN A 108 -15.22 16.76 1.30
C GLN A 108 -15.75 15.48 1.92
N GLY A 109 -15.30 15.17 3.14
CA GLY A 109 -15.75 13.97 3.82
C GLY A 109 -15.45 12.68 3.08
N TYR A 110 -14.34 12.63 2.33
CA TYR A 110 -14.10 11.57 1.36
C TYR A 110 -13.45 10.39 2.08
N ASN A 111 -14.17 9.28 2.17
CA ASN A 111 -13.76 8.10 2.93
C ASN A 111 -12.96 7.13 2.06
N ASN A 112 -11.92 7.61 1.38
CA ASN A 112 -11.13 6.71 0.57
C ASN A 112 -9.85 7.41 0.14
N ALA A 113 -9.02 6.63 -0.58
CA ALA A 113 -7.77 7.06 -1.18
C ALA A 113 -7.62 6.24 -2.44
N PHE A 114 -6.84 6.74 -3.41
CA PHE A 114 -6.68 6.01 -4.66
C PHE A 114 -5.46 6.49 -5.43
N TRP A 115 -5.08 5.66 -6.39
CA TRP A 115 -4.11 5.98 -7.44
C TRP A 115 -4.91 6.14 -8.72
N ASN A 116 -4.87 7.32 -9.34
CA ASN A 116 -5.76 7.66 -10.43
C ASN A 116 -5.17 7.41 -11.81
N GLY A 117 -4.08 6.63 -11.89
CA GLY A 117 -3.31 6.43 -13.10
C GLY A 117 -2.05 7.27 -13.19
N SER A 118 -1.97 8.33 -12.39
CA SER A 118 -0.87 9.29 -12.45
C SER A 118 -0.37 9.75 -11.09
N GLN A 119 -1.13 9.62 -10.02
CA GLN A 119 -0.77 10.18 -8.73
C GLN A 119 -1.60 9.52 -7.65
N MET A 120 -1.16 9.68 -6.40
CA MET A 120 -1.91 9.26 -5.23
C MET A 120 -2.81 10.39 -4.76
N VAL A 121 -3.97 10.02 -4.21
CA VAL A 121 -4.99 10.97 -3.78
C VAL A 121 -5.59 10.47 -2.47
N TYR A 122 -5.70 11.36 -1.48
CA TYR A 122 -6.21 11.00 -0.15
C TYR A 122 -7.35 11.90 0.28
N GLY A 123 -8.48 11.30 0.64
CA GLY A 123 -9.54 12.01 1.32
C GLY A 123 -9.18 12.29 2.76
N ASP A 124 -9.96 13.18 3.38
CA ASP A 124 -9.85 13.46 4.79
C ASP A 124 -10.72 12.55 5.65
N GLY A 125 -11.59 11.75 5.02
CA GLY A 125 -12.59 11.02 5.78
C GLY A 125 -13.67 11.93 6.31
N ASP A 126 -14.74 11.33 6.82
CA ASP A 126 -15.83 12.10 7.42
C ASP A 126 -15.70 12.21 8.93
N GLY A 127 -14.59 11.72 9.49
CA GLY A 127 -14.38 11.74 10.92
C GLY A 127 -15.08 10.64 11.70
N GLN A 128 -15.90 9.84 11.04
CA GLN A 128 -16.61 8.71 11.65
C GLN A 128 -16.11 7.39 11.07
N THR A 129 -16.18 7.22 9.76
CA THR A 129 -15.64 6.03 9.12
C THR A 129 -14.12 6.10 8.99
N PHE A 130 -13.58 7.27 8.64
CA PHE A 130 -12.14 7.46 8.53
C PHE A 130 -11.75 8.84 9.04
N ILE A 131 -10.52 8.94 9.54
CA ILE A 131 -9.78 10.21 9.67
C ILE A 131 -8.88 10.29 8.44
N PRO A 132 -8.12 11.36 8.24
CA PRO A 132 -7.43 11.52 6.95
C PRO A 132 -6.55 10.32 6.61
N LEU A 133 -6.72 9.80 5.40
CA LEU A 133 -6.30 8.44 5.13
C LEU A 133 -4.80 8.30 4.99
N SER A 134 -4.08 9.39 4.71
CA SER A 134 -2.63 9.34 4.67
C SER A 134 -2.02 9.09 6.04
N GLY A 135 -2.81 9.11 7.12
CA GLY A 135 -2.30 8.73 8.41
C GLY A 135 -1.92 7.27 8.54
N GLY A 136 -2.32 6.43 7.59
CA GLY A 136 -2.00 5.02 7.62
C GLY A 136 -0.88 4.69 6.65
N ILE A 137 0.25 4.24 7.20
N ILE A 137 0.25 4.22 7.19
CA ILE A 137 1.37 3.84 6.35
CA ILE A 137 1.35 3.88 6.31
C ILE A 137 0.94 2.74 5.39
C ILE A 137 0.96 2.73 5.39
N ASP A 138 0.13 1.80 5.86
CA ASP A 138 -0.33 0.73 4.98
C ASP A 138 -1.21 1.25 3.85
N VAL A 139 -1.94 2.34 4.09
CA VAL A 139 -2.75 2.98 3.04
C VAL A 139 -1.86 3.62 2.00
N VAL A 140 -0.88 4.40 2.44
CA VAL A 140 0.04 5.07 1.51
C VAL A 140 0.79 4.04 0.67
N ALA A 141 1.31 2.99 1.31
CA ALA A 141 2.04 1.98 0.57
C ALA A 141 1.11 1.16 -0.33
N HIS A 142 -0.15 0.95 0.08
CA HIS A 142 -1.15 0.35 -0.81
C HIS A 142 -1.27 1.17 -2.09
N GLU A 143 -1.29 2.50 -1.97
CA GLU A 143 -1.43 3.36 -3.14
C GLU A 143 -0.21 3.32 -4.02
N LEU A 144 0.98 3.48 -3.46
CA LEU A 144 2.17 3.47 -4.32
C LEU A 144 2.36 2.11 -4.95
N THR A 145 1.93 1.05 -4.26
CA THR A 145 1.99 -0.28 -4.85
C THR A 145 1.05 -0.42 -6.04
N HIS A 146 -0.11 0.25 -6.05
CA HIS A 146 -0.92 0.26 -7.26
C HIS A 146 -0.14 0.78 -8.45
N ALA A 147 0.66 1.84 -8.24
CA ALA A 147 1.48 2.37 -9.32
C ALA A 147 2.51 1.34 -9.79
N VAL A 148 3.16 0.66 -8.86
CA VAL A 148 4.11 -0.40 -9.21
C VAL A 148 3.43 -1.48 -10.03
N THR A 149 2.27 -1.95 -9.58
CA THR A 149 1.51 -2.94 -10.33
C THR A 149 1.19 -2.45 -11.73
N ASP A 150 0.67 -1.22 -11.85
CA ASP A 150 0.25 -0.73 -13.16
C ASP A 150 1.42 -0.70 -14.13
N TYR A 151 2.64 -0.37 -13.63
CA TYR A 151 3.82 -0.27 -14.48
C TYR A 151 4.47 -1.61 -14.76
N THR A 152 4.06 -2.68 -14.07
CA THR A 152 4.70 -3.99 -14.21
C THR A 152 3.67 -4.98 -14.72
N ALA A 153 3.06 -5.78 -13.85
CA ALA A 153 2.10 -6.79 -14.33
C ALA A 153 0.94 -6.16 -15.08
N GLY A 154 0.48 -5.00 -14.64
CA GLY A 154 -0.61 -4.31 -15.34
C GLY A 154 -1.96 -4.96 -15.12
N LEU A 155 -2.15 -5.60 -13.97
CA LEU A 155 -3.36 -6.35 -13.68
C LEU A 155 -4.62 -5.52 -13.88
N ILE A 156 -5.50 -6.00 -14.75
CA ILE A 156 -6.76 -5.33 -15.06
C ILE A 156 -7.64 -5.33 -13.82
N TYR A 157 -8.31 -4.21 -13.56
CA TYR A 157 -8.98 -3.99 -12.28
C TYR A 157 -10.41 -4.52 -12.26
N GLN A 158 -10.54 -5.83 -12.48
CA GLN A 158 -11.82 -6.50 -12.36
C GLN A 158 -11.59 -7.98 -12.14
N ASN A 159 -12.56 -8.62 -11.49
CA ASN A 159 -12.58 -10.07 -11.33
C ASN A 159 -11.27 -10.54 -10.71
N GLU A 160 -10.74 -11.70 -11.13
CA GLU A 160 -9.61 -12.27 -10.39
C GLU A 160 -8.34 -11.44 -10.54
N SER A 161 -8.04 -10.92 -11.75
CA SER A 161 -6.85 -10.10 -11.90
C SER A 161 -6.93 -8.86 -11.01
N GLY A 162 -8.15 -8.31 -10.87
CA GLY A 162 -8.31 -7.14 -10.04
C GLY A 162 -8.19 -7.44 -8.56
N ALA A 163 -8.66 -8.63 -8.14
CA ALA A 163 -8.44 -9.05 -6.75
C ALA A 163 -6.96 -9.29 -6.47
N ILE A 164 -6.21 -9.79 -7.46
CA ILE A 164 -4.75 -9.90 -7.28
C ILE A 164 -4.13 -8.52 -7.16
N ASN A 165 -4.55 -7.60 -8.03
CA ASN A 165 -4.10 -6.20 -7.95
C ASN A 165 -4.29 -5.65 -6.54
N GLU A 166 -5.51 -5.83 -6.00
CA GLU A 166 -5.79 -5.38 -4.63
C GLU A 166 -4.92 -6.08 -3.61
N ALA A 167 -4.82 -7.42 -3.69
CA ALA A 167 -4.04 -8.14 -2.69
C ALA A 167 -2.56 -7.72 -2.72
N ILE A 168 -2.00 -7.53 -3.91
CA ILE A 168 -0.61 -7.07 -4.02
C ILE A 168 -0.43 -5.76 -3.25
N SER A 169 -1.39 -4.83 -3.38
CA SER A 169 -1.33 -3.58 -2.65
C SER A 169 -1.46 -3.77 -1.13
N ASP A 170 -2.32 -4.70 -0.69
CA ASP A 170 -2.42 -4.98 0.75
C ASP A 170 -1.16 -5.67 1.28
N ILE A 171 -0.61 -6.60 0.50
CA ILE A 171 0.59 -7.32 0.89
C ILE A 171 1.76 -6.37 1.06
N PHE A 172 2.04 -5.58 0.03
CA PHE A 172 3.18 -4.66 0.15
C PHE A 172 2.86 -3.49 1.07
N GLY A 173 1.59 -3.09 1.18
CA GLY A 173 1.26 -2.12 2.21
C GLY A 173 1.65 -2.61 3.58
N THR A 174 1.38 -3.89 3.85
CA THR A 174 1.72 -4.51 5.13
C THR A 174 3.23 -4.68 5.28
N LEU A 175 3.92 -5.12 4.23
CA LEU A 175 5.37 -5.28 4.33
C LEU A 175 6.05 -3.94 4.57
N VAL A 176 5.54 -2.86 3.98
CA VAL A 176 6.08 -1.52 4.27
C VAL A 176 5.79 -1.14 5.72
N GLU A 177 4.60 -1.44 6.21
CA GLU A 177 4.29 -1.17 7.60
C GLU A 177 5.27 -1.90 8.53
N PHE A 178 5.60 -3.15 8.22
CA PHE A 178 6.59 -3.86 9.02
C PHE A 178 7.98 -3.24 8.86
N TYR A 179 8.32 -2.80 7.65
CA TYR A 179 9.62 -2.17 7.42
C TYR A 179 9.80 -0.94 8.28
N ALA A 180 8.76 -0.10 8.38
CA ALA A 180 8.83 1.08 9.24
C ALA A 180 8.80 0.72 10.72
N ASN A 181 8.20 -0.42 11.05
CA ASN A 181 8.28 -1.03 12.37
C ASN A 181 7.64 -0.18 13.47
N LYS A 182 6.52 0.47 13.15
CA LYS A 182 5.69 1.14 14.15
C LYS A 182 4.33 0.45 14.20
N ASN A 183 4.05 -0.23 15.30
CA ASN A 183 2.81 -0.97 15.49
C ASN A 183 2.41 -1.81 14.27
N PRO A 184 3.32 -2.63 13.75
CA PRO A 184 3.00 -3.38 12.54
C PRO A 184 2.04 -4.52 12.84
N ASP A 185 1.26 -4.88 11.84
CA ASP A 185 0.28 -5.95 11.93
C ASP A 185 -0.07 -6.40 10.53
N TRP A 186 -0.91 -7.44 10.45
CA TRP A 186 -1.45 -7.95 9.21
C TRP A 186 -2.89 -7.47 8.97
N GLU A 187 -3.26 -6.34 9.57
CA GLU A 187 -4.54 -5.69 9.35
C GLU A 187 -4.36 -4.52 8.40
N ILE A 188 -5.44 -4.09 7.76
CA ILE A 188 -5.38 -3.04 6.74
C ILE A 188 -6.20 -1.84 7.18
N GLY A 189 -5.53 -0.70 7.34
CA GLY A 189 -6.18 0.58 7.58
C GLY A 189 -6.51 0.89 9.02
N GLU A 190 -6.03 0.07 9.97
CA GLU A 190 -6.41 0.23 11.37
C GLU A 190 -6.08 1.60 11.94
N ASP A 191 -5.04 2.28 11.43
CA ASP A 191 -4.62 3.53 12.04
C ASP A 191 -5.54 4.70 11.71
N VAL A 192 -6.35 4.58 10.66
CA VAL A 192 -7.23 5.66 10.23
C VAL A 192 -8.70 5.28 10.21
N TYR A 193 -9.04 4.03 10.44
CA TYR A 193 -10.42 3.56 10.35
C TYR A 193 -11.12 3.74 11.69
N THR A 194 -12.37 4.23 11.64
CA THR A 194 -13.32 4.31 12.75
C THR A 194 -12.66 4.78 14.04
N PRO A 195 -12.39 6.08 14.16
CA PRO A 195 -11.76 6.58 15.39
C PRO A 195 -12.55 6.27 16.65
N GLY A 196 -13.85 6.01 16.56
CA GLY A 196 -14.63 5.69 17.73
C GLY A 196 -14.69 4.22 18.11
N ILE A 197 -13.99 3.34 17.40
CA ILE A 197 -14.01 1.90 17.62
C ILE A 197 -12.57 1.41 17.64
N SER A 198 -12.14 0.85 18.76
CA SER A 198 -10.77 0.37 18.86
C SER A 198 -10.66 -1.07 18.36
N GLY A 199 -9.53 -1.39 17.75
CA GLY A 199 -9.20 -2.76 17.45
C GLY A 199 -9.76 -3.31 16.17
N ASP A 200 -10.40 -2.48 15.35
CA ASP A 200 -10.93 -2.93 14.07
C ASP A 200 -10.06 -2.43 12.93
N SER A 201 -10.46 -2.78 11.71
N SER A 201 -10.44 -2.84 11.71
CA SER A 201 -9.73 -2.38 10.53
CA SER A 201 -9.68 -2.57 10.50
C SER A 201 -10.66 -2.60 9.34
C SER A 201 -10.65 -2.63 9.34
N LEU A 202 -10.19 -2.17 8.17
CA LEU A 202 -10.99 -2.31 6.96
C LEU A 202 -10.97 -3.74 6.43
N ARG A 203 -9.80 -4.36 6.47
CA ARG A 203 -9.61 -5.75 6.08
C ARG A 203 -8.60 -6.38 7.03
N SER A 204 -8.63 -7.70 7.11
CA SER A 204 -7.64 -8.48 7.82
C SER A 204 -7.02 -9.47 6.84
N MET A 205 -5.69 -9.54 6.82
CA MET A 205 -5.03 -10.57 6.02
C MET A 205 -4.94 -11.88 6.78
N SER A 206 -4.83 -11.81 8.11
CA SER A 206 -4.69 -13.01 8.91
C SER A 206 -6.02 -13.75 9.05
N ASP A 207 -7.12 -13.02 9.04
CA ASP A 207 -8.46 -13.61 9.15
C ASP A 207 -9.42 -12.77 8.33
N PRO A 208 -9.38 -12.88 7.00
CA PRO A 208 -10.24 -12.01 6.17
C PRO A 208 -11.71 -12.08 6.55
N ALA A 209 -12.18 -13.23 7.01
CA ALA A 209 -13.60 -13.42 7.28
C ALA A 209 -14.08 -12.56 8.44
N LYS A 210 -13.15 -12.05 9.26
CA LYS A 210 -13.53 -11.16 10.36
C LYS A 210 -14.30 -9.95 9.84
N TYR A 211 -13.96 -9.49 8.64
CA TYR A 211 -14.65 -8.35 8.02
C TYR A 211 -15.42 -8.75 6.78
N GLY A 212 -15.89 -10.01 6.74
CA GLY A 212 -16.78 -10.48 5.71
C GLY A 212 -16.13 -10.95 4.43
N ASP A 213 -14.83 -11.00 4.36
CA ASP A 213 -14.18 -11.34 3.11
C ASP A 213 -13.79 -12.82 3.07
N PRO A 214 -13.83 -13.42 1.89
CA PRO A 214 -13.52 -14.86 1.78
C PRO A 214 -12.07 -15.18 2.10
N ASP A 215 -11.89 -16.37 2.66
CA ASP A 215 -10.58 -16.93 3.00
C ASP A 215 -10.37 -18.28 2.33
N HIS A 216 -11.16 -18.57 1.31
CA HIS A 216 -11.08 -19.81 0.56
C HIS A 216 -11.76 -19.58 -0.79
N TYR A 217 -11.20 -20.18 -1.83
CA TYR A 217 -11.72 -19.97 -3.18
C TYR A 217 -13.19 -20.38 -3.30
N SER A 218 -13.62 -21.38 -2.52
CA SER A 218 -15.01 -21.83 -2.57
C SER A 218 -15.98 -20.77 -2.05
N LYS A 219 -15.49 -19.73 -1.38
CA LYS A 219 -16.31 -18.65 -0.86
C LYS A 219 -16.15 -17.37 -1.66
N ARG A 220 -15.54 -17.45 -2.84
CA ARG A 220 -15.32 -16.25 -3.64
C ARG A 220 -16.65 -15.62 -4.06
N TYR A 221 -16.63 -14.30 -4.18
CA TYR A 221 -17.75 -13.53 -4.70
C TYR A 221 -17.73 -13.55 -6.21
N THR A 222 -18.89 -13.83 -6.81
CA THR A 222 -19.01 -14.01 -8.24
C THR A 222 -19.94 -12.97 -8.88
N GLY A 223 -20.43 -12.00 -8.11
CA GLY A 223 -21.31 -10.98 -8.63
C GLY A 223 -20.54 -9.83 -9.24
N THR A 224 -21.27 -8.73 -9.48
CA THR A 224 -20.73 -7.61 -10.25
C THR A 224 -20.35 -6.40 -9.41
N GLN A 225 -20.76 -6.32 -8.15
CA GLN A 225 -20.38 -5.17 -7.34
C GLN A 225 -18.87 -5.12 -7.20
N ASP A 226 -18.36 -3.91 -6.96
CA ASP A 226 -16.94 -3.75 -6.63
C ASP A 226 -16.05 -4.32 -7.73
N ASN A 227 -16.43 -4.07 -8.98
CA ASN A 227 -15.65 -4.54 -10.13
C ASN A 227 -15.48 -6.07 -10.10
N GLY A 228 -16.53 -6.76 -9.69
CA GLY A 228 -16.43 -8.20 -9.50
C GLY A 228 -15.73 -8.60 -8.23
N GLY A 229 -15.85 -7.80 -7.18
CA GLY A 229 -15.33 -8.16 -5.87
C GLY A 229 -13.85 -7.96 -5.66
N VAL A 230 -13.23 -6.94 -6.27
CA VAL A 230 -11.77 -6.85 -6.18
C VAL A 230 -11.29 -6.62 -4.74
N HIS A 231 -12.06 -5.89 -3.93
CA HIS A 231 -11.73 -5.66 -2.52
C HIS A 231 -12.24 -6.75 -1.59
N ILE A 232 -12.94 -7.73 -2.15
CA ILE A 232 -13.54 -8.84 -1.41
C ILE A 232 -12.71 -10.10 -1.62
N ASN A 233 -12.57 -10.52 -2.88
CA ASN A 233 -11.80 -11.71 -3.23
C ASN A 233 -10.31 -11.53 -2.99
N SER A 234 -9.84 -10.30 -2.79
CA SER A 234 -8.47 -10.11 -2.35
C SER A 234 -8.19 -10.89 -1.06
N GLY A 235 -9.21 -11.15 -0.25
CA GLY A 235 -9.00 -11.88 0.99
C GLY A 235 -8.42 -13.26 0.77
N ILE A 236 -8.74 -13.89 -0.36
CA ILE A 236 -8.25 -15.24 -0.61
C ILE A 236 -6.75 -15.21 -0.81
N ILE A 237 -6.26 -14.22 -1.56
CA ILE A 237 -4.83 -14.06 -1.80
C ILE A 237 -4.13 -13.51 -0.57
N ASN A 238 -4.75 -12.55 0.12
CA ASN A 238 -4.16 -12.04 1.35
C ASN A 238 -3.95 -13.16 2.36
N LYS A 239 -4.92 -14.04 2.49
CA LYS A 239 -4.77 -15.17 3.40
C LYS A 239 -3.62 -16.08 2.97
N ALA A 240 -3.52 -16.37 1.67
CA ALA A 240 -2.41 -17.18 1.19
C ALA A 240 -1.06 -16.53 1.52
N ALA A 241 -0.95 -15.23 1.31
CA ALA A 241 0.30 -14.53 1.60
C ALA A 241 0.62 -14.57 3.09
N TYR A 242 -0.40 -14.32 3.92
CA TYR A 242 -0.22 -14.42 5.37
C TYR A 242 0.29 -15.81 5.76
N LEU A 243 -0.29 -16.87 5.19
CA LEU A 243 0.14 -18.22 5.52
C LEU A 243 1.56 -18.48 5.06
N ILE A 244 1.93 -18.03 3.86
CA ILE A 244 3.30 -18.22 3.40
C ILE A 244 4.28 -17.63 4.41
N SER A 245 3.99 -16.42 4.89
CA SER A 245 4.89 -15.74 5.80
C SER A 245 4.85 -16.36 7.19
N GLN A 246 3.65 -16.51 7.76
CA GLN A 246 3.49 -16.79 9.18
C GLN A 246 3.19 -18.24 9.48
N GLY A 247 2.76 -19.02 8.50
CA GLY A 247 2.37 -20.40 8.71
C GLY A 247 1.00 -20.51 9.35
N GLY A 248 0.53 -21.73 9.45
CA GLY A 248 -0.72 -22.04 10.12
C GLY A 248 -1.37 -23.24 9.49
N THR A 249 -2.46 -23.68 10.11
CA THR A 249 -3.30 -24.74 9.56
C THR A 249 -4.67 -24.14 9.31
N HIS A 250 -5.12 -24.18 8.06
CA HIS A 250 -6.30 -23.46 7.60
C HIS A 250 -7.12 -24.43 6.78
N TYR A 251 -8.39 -24.63 7.17
CA TYR A 251 -9.25 -25.67 6.61
C TYR A 251 -8.52 -27.02 6.55
N GLY A 252 -7.78 -27.31 7.60
CA GLY A 252 -7.10 -28.58 7.74
C GLY A 252 -5.82 -28.73 6.96
N VAL A 253 -5.35 -27.69 6.27
CA VAL A 253 -4.12 -27.75 5.49
C VAL A 253 -3.05 -26.97 6.24
N SER A 254 -1.94 -27.63 6.54
CA SER A 254 -0.86 -27.02 7.30
C SER A 254 0.17 -26.37 6.39
N VAL A 255 0.61 -25.18 6.77
CA VAL A 255 1.57 -24.40 6.00
C VAL A 255 2.74 -24.06 6.91
N VAL A 256 3.95 -24.36 6.44
CA VAL A 256 5.17 -23.99 7.14
C VAL A 256 5.56 -22.55 6.73
N GLY A 257 5.54 -21.63 7.68
CA GLY A 257 5.86 -20.25 7.37
C GLY A 257 7.33 -20.07 7.05
N ILE A 258 7.60 -19.11 6.16
CA ILE A 258 8.96 -18.81 5.73
C ILE A 258 9.37 -17.37 6.03
N GLY A 259 8.46 -16.56 6.56
CA GLY A 259 8.79 -15.21 7.01
C GLY A 259 8.46 -14.14 5.97
N ARG A 260 8.40 -12.90 6.46
CA ARG A 260 7.94 -11.78 5.64
C ARG A 260 8.92 -11.48 4.51
N ASP A 261 10.22 -11.54 4.78
CA ASP A 261 11.18 -11.14 3.77
C ASP A 261 11.09 -12.06 2.56
N LYS A 262 11.00 -13.37 2.77
CA LYS A 262 10.87 -14.28 1.65
C LYS A 262 9.51 -14.15 0.95
N LEU A 263 8.44 -13.91 1.71
CA LEU A 263 7.16 -13.60 1.07
C LEU A 263 7.33 -12.43 0.11
N GLY A 264 7.97 -11.36 0.59
CA GLY A 264 8.14 -10.18 -0.23
C GLY A 264 8.96 -10.46 -1.48
N LYS A 265 10.04 -11.24 -1.34
CA LYS A 265 10.87 -11.55 -2.50
C LYS A 265 10.10 -12.37 -3.52
N ILE A 266 9.33 -13.36 -3.06
CA ILE A 266 8.59 -14.23 -3.97
C ILE A 266 7.50 -13.44 -4.69
N PHE A 267 6.74 -12.65 -3.96
CA PHE A 267 5.66 -11.91 -4.60
C PHE A 267 6.16 -10.74 -5.44
N TYR A 268 7.28 -10.12 -5.07
CA TYR A 268 7.83 -9.07 -5.91
C TYR A 268 8.30 -9.65 -7.25
N ARG A 269 8.96 -10.80 -7.21
CA ARG A 269 9.39 -11.44 -8.45
C ARG A 269 8.19 -11.90 -9.26
N ALA A 270 7.17 -12.45 -8.62
CA ALA A 270 5.98 -12.86 -9.37
C ALA A 270 5.36 -11.65 -10.07
N LEU A 271 5.21 -10.55 -9.34
CA LEU A 271 4.59 -9.35 -9.87
C LEU A 271 5.34 -8.80 -11.07
N THR A 272 6.67 -8.79 -11.00
CA THR A 272 7.49 -8.10 -11.98
C THR A 272 8.02 -8.98 -13.11
N GLN A 273 7.97 -10.31 -12.96
N GLN A 273 7.95 -10.31 -12.97
CA GLN A 273 8.51 -11.20 -13.97
CA GLN A 273 8.50 -11.19 -13.99
C GLN A 273 7.51 -12.19 -14.55
C GLN A 273 7.54 -12.25 -14.50
N TYR A 274 6.41 -12.46 -13.87
CA TYR A 274 5.52 -13.54 -14.32
C TYR A 274 4.08 -13.13 -14.54
N LEU A 275 3.51 -12.28 -13.70
CA LEU A 275 2.11 -11.94 -13.86
C LEU A 275 1.90 -11.08 -15.10
N THR A 276 0.70 -11.20 -15.68
CA THR A 276 0.31 -10.43 -16.85
C THR A 276 -1.00 -9.72 -16.53
N PRO A 277 -1.50 -8.88 -17.44
CA PRO A 277 -2.70 -8.09 -17.09
C PRO A 277 -3.91 -8.93 -16.75
N THR A 278 -4.04 -10.13 -17.33
CA THR A 278 -5.24 -10.94 -17.13
C THR A 278 -4.98 -12.16 -16.24
N SER A 279 -3.88 -12.21 -15.53
CA SER A 279 -3.61 -13.35 -14.65
C SER A 279 -4.78 -13.61 -13.69
N ASN A 280 -5.16 -14.87 -13.56
CA ASN A 280 -6.14 -15.30 -12.58
C ASN A 280 -5.43 -15.94 -11.38
N PHE A 281 -6.23 -16.38 -10.40
CA PHE A 281 -5.64 -16.88 -9.15
C PHE A 281 -4.76 -18.10 -9.41
N SER A 282 -5.21 -19.03 -10.27
CA SER A 282 -4.41 -20.20 -10.59
C SER A 282 -3.08 -19.81 -11.21
N GLN A 283 -3.11 -18.79 -12.07
CA GLN A 283 -1.88 -18.29 -12.69
C GLN A 283 -0.99 -17.58 -11.69
N LEU A 284 -1.56 -16.91 -10.68
CA LEU A 284 -0.75 -16.36 -9.61
C LEU A 284 -0.04 -17.48 -8.84
N ARG A 285 -0.75 -18.56 -8.52
CA ARG A 285 -0.09 -19.68 -7.86
C ARG A 285 1.10 -20.15 -8.67
N ALA A 286 0.91 -20.33 -9.98
CA ALA A 286 2.01 -20.81 -10.80
C ALA A 286 3.15 -19.81 -10.82
N ALA A 287 2.83 -18.52 -10.87
CA ALA A 287 3.86 -17.49 -10.86
C ALA A 287 4.64 -17.48 -9.55
N ALA A 288 3.93 -17.65 -8.43
CA ALA A 288 4.59 -17.66 -7.13
C ALA A 288 5.45 -18.91 -6.98
N VAL A 289 4.97 -20.06 -7.46
CA VAL A 289 5.77 -21.29 -7.41
C VAL A 289 7.05 -21.10 -8.23
N GLN A 290 6.93 -20.56 -9.43
CA GLN A 290 8.10 -20.38 -10.28
C GLN A 290 9.06 -19.38 -9.66
N SER A 291 8.52 -18.30 -9.07
CA SER A 291 9.39 -17.30 -8.45
C SER A 291 10.17 -17.88 -7.29
N ALA A 292 9.48 -18.67 -6.44
CA ALA A 292 10.17 -19.33 -5.34
C ALA A 292 11.19 -20.34 -5.85
N THR A 293 10.89 -21.02 -6.97
CA THR A 293 11.85 -21.94 -7.58
C THR A 293 13.10 -21.19 -8.04
N ASP A 294 12.91 -20.06 -8.72
CA ASP A 294 14.05 -19.26 -9.16
C ASP A 294 14.92 -18.84 -8.00
N LEU A 295 14.30 -18.43 -6.89
CA LEU A 295 15.04 -17.82 -5.79
C LEU A 295 15.67 -18.86 -4.86
N TYR A 296 14.99 -19.99 -4.65
CA TYR A 296 15.36 -20.92 -3.59
C TYR A 296 15.54 -22.36 -4.06
N GLY A 297 15.12 -22.70 -5.27
CA GLY A 297 15.31 -24.04 -5.79
C GLY A 297 14.04 -24.86 -5.72
N SER A 298 13.88 -25.77 -6.69
CA SER A 298 12.64 -26.52 -6.82
C SER A 298 12.37 -27.42 -5.61
N THR A 299 13.41 -27.89 -4.92
CA THR A 299 13.24 -28.77 -3.78
C THR A 299 13.17 -28.02 -2.46
N SER A 300 13.07 -26.70 -2.50
CA SER A 300 13.20 -25.90 -1.30
C SER A 300 11.93 -25.93 -0.47
N GLN A 301 12.10 -25.66 0.82
CA GLN A 301 10.96 -25.42 1.69
C GLN A 301 10.09 -24.28 1.17
N GLU A 302 10.72 -23.24 0.62
CA GLU A 302 9.98 -22.06 0.17
C GLU A 302 8.97 -22.44 -0.90
N VAL A 303 9.37 -23.26 -1.87
CA VAL A 303 8.44 -23.73 -2.89
C VAL A 303 7.33 -24.56 -2.27
N ALA A 304 7.68 -25.48 -1.36
CA ALA A 304 6.69 -26.34 -0.73
C ALA A 304 5.67 -25.51 0.04
N SER A 305 6.12 -24.46 0.72
CA SER A 305 5.23 -23.62 1.50
C SER A 305 4.30 -22.79 0.62
N VAL A 306 4.78 -22.31 -0.52
CA VAL A 306 3.91 -21.61 -1.46
C VAL A 306 2.77 -22.54 -1.90
N LYS A 307 3.11 -23.78 -2.24
CA LYS A 307 2.09 -24.74 -2.65
C LYS A 307 1.08 -25.02 -1.53
N GLN A 308 1.58 -25.20 -0.30
CA GLN A 308 0.70 -25.48 0.84
C GLN A 308 -0.28 -24.32 1.06
N ALA A 309 0.22 -23.08 0.95
CA ALA A 309 -0.62 -21.92 1.22
C ALA A 309 -1.73 -21.79 0.18
N PHE A 310 -1.41 -21.98 -1.10
CA PHE A 310 -2.46 -21.93 -2.11
C PHE A 310 -3.40 -23.12 -1.98
N ASP A 311 -2.90 -24.30 -1.62
CA ASP A 311 -3.78 -25.42 -1.30
C ASP A 311 -4.76 -25.04 -0.21
N ALA A 312 -4.26 -24.39 0.85
CA ALA A 312 -5.10 -24.08 2.01
C ALA A 312 -6.26 -23.17 1.64
N VAL A 313 -6.07 -22.27 0.67
CA VAL A 313 -7.13 -21.37 0.24
C VAL A 313 -7.87 -21.88 -0.98
N GLY A 314 -7.63 -23.14 -1.39
CA GLY A 314 -8.40 -23.74 -2.45
C GLY A 314 -8.06 -23.31 -3.85
N VAL A 315 -6.83 -22.83 -4.07
CA VAL A 315 -6.40 -22.35 -5.38
C VAL A 315 -5.40 -23.34 -5.95
N LYS A 316 -5.78 -24.00 -7.03
CA LYS A 316 -4.89 -24.97 -7.68
C LYS A 316 -4.28 -24.40 -8.94
CA CA B . -1.83 -2.38 9.13
CA CA C . 3.98 26.57 8.80
CA CA D . -0.45 -1.14 12.47
CA CA E . -11.10 2.00 14.56
ZN ZN F . -6.49 -0.66 -3.84
S DMS G . -11.28 10.69 -9.20
O DMS G . -12.07 11.42 -10.24
C1 DMS G . -12.49 9.81 -8.17
C2 DMS G . -10.57 9.26 -10.03
S DMS H . 1.63 -8.98 15.07
O DMS H . 1.15 -9.22 13.68
C1 DMS H . 3.20 -8.10 14.90
C2 DMS H . 0.64 -7.63 15.77
S DMS I . 15.57 21.47 -6.53
O DMS I . 16.02 22.57 -7.46
C1 DMS I . 15.06 20.13 -7.63
C2 DMS I . 17.08 20.73 -5.86
O5 OZH J . -9.75 1.72 -9.60
O5 OZH J . -9.81 2.19 -9.68
O4 OZH J . -11.51 0.91 -0.10
O4 OZH J . -11.47 0.79 -0.05
C2 OZH J . -11.76 6.41 -7.62
C2 OZH J . -10.04 5.45 -8.71
C1 OZH J . -11.76 4.94 -7.26
C1 OZH J . -10.99 5.07 -7.57
C OZH J . -13.09 4.29 -7.61
C OZH J . -12.06 6.12 -7.40
C7 OZH J . -8.17 1.43 -1.25
C7 OZH J . -8.15 1.51 -1.14
N OZH J . -10.10 2.61 -6.15
N OZH J . -10.25 2.56 -6.11
C6 OZH J . -10.55 2.20 -3.81
C6 OZH J . -10.50 2.43 -3.70
C5 OZH J . -11.01 2.24 -5.25
C5 OZH J . -11.05 2.26 -5.10
C4 OZH J . -10.44 2.75 -7.56
C4 OZH J . -10.71 2.50 -7.49
C3 OZH J . -10.61 4.23 -7.95
C3 OZH J . -11.61 3.70 -7.81
O OZH J . -12.16 1.95 -5.55
O OZH J . -12.20 1.86 -5.25
C8 OZH J . -7.31 2.43 -0.47
C8 OZH J . -7.39 2.59 -0.35
C9 OZH J . -7.32 2.09 1.01
C9 OZH J . -7.36 2.18 1.11
C11 OZH J . -8.23 2.38 3.21
C11 OZH J . -8.22 2.32 3.36
C10 OZH J . -8.20 2.72 1.88
C10 OZH J . -8.21 2.75 2.03
C12 OZH J . -7.38 1.41 3.71
C12 OZH J . -7.36 1.32 3.76
C17 OZH J . -13.47 0.47 1.23
C17 OZH J . -13.36 -0.52 -0.81
C18 OZH J . -14.56 -0.26 1.63
C18 OZH J . -14.31 -1.52 -0.72
C16 OZH J . -12.41 -0.13 0.37
C16 OZH J . -12.34 -0.33 0.29
C15 OZH J . -10.25 0.54 -0.36
C15 OZH J . -10.18 0.48 -0.31
C14 OZH J . -6.46 1.13 1.51
C14 OZH J . -6.50 1.17 1.53
C13 OZH J . -6.49 0.79 2.86
C13 OZH J . -6.49 0.76 2.85
C23 OZH J . -9.38 2.09 -8.47
C23 OZH J . -9.53 2.34 -8.47
O1 OZH J . -8.14 0.39 -3.70
O1 OZH J . -8.24 0.32 -3.53
C19 OZH J . -15.54 0.29 2.44
C19 OZH J . -15.25 -1.69 -1.72
C20 OZH J . -15.42 1.59 2.87
C20 OZH J . -15.27 -0.84 -2.81
C21 OZH J . -14.33 2.34 2.49
C21 OZH J . -14.33 0.16 -2.90
O2 OZH J . -6.61 2.42 -3.28
O2 OZH J . -6.57 2.17 -3.35
O3 OZH J . -9.79 -0.56 -0.13
O3 OZH J . -9.66 -0.58 -0.09
C22 OZH J . -13.36 1.79 1.67
C22 OZH J . -13.38 0.32 -1.91
N1 OZH J . -9.22 2.73 -3.55
N1 OZH J . -9.08 2.75 -3.65
N2 OZH J . -9.57 1.55 -0.91
N2 OZH J . -9.57 1.55 -0.83
O6 OZH J . -8.22 1.98 -8.01
O6 OZH J . -8.37 2.37 -8.00
P OZH J . -7.93 1.73 -3.13
P OZH J . -7.96 1.68 -3.04
C TRS K . -5.94 1.42 -10.61
C1 TRS K . -5.38 1.68 -12.02
C2 TRS K . -7.08 0.39 -10.66
C3 TRS K . -4.84 0.96 -9.65
N TRS K . -6.49 2.68 -10.06
O1 TRS K . -4.48 2.79 -12.02
O2 TRS K . -8.18 0.86 -11.42
O3 TRS K . -4.24 -0.26 -10.09
C1 GOL L . -15.58 7.06 -1.67
O1 GOL L . -15.43 5.66 -1.64
C2 GOL L . -16.31 7.39 -0.38
O2 GOL L . -17.41 6.57 -0.19
C3 GOL L . -16.76 8.84 -0.44
O3 GOL L . -16.75 9.22 0.91
#